data_5WG1
#
_entry.id   5WG1
#
_cell.length_a   161.809
_cell.length_b   68.649
_cell.length_c   77.126
_cell.angle_alpha   90.00
_cell.angle_beta   117.54
_cell.angle_gamma   90.00
#
_symmetry.space_group_name_H-M   'C 1 2 1'
#
loop_
_entity.id
_entity.type
_entity.pdbx_description
1 polymer 'Kelch-like ECH-associated protein 1'
2 polymer 'Nrf2 EAGE mutant peptide'
3 non-polymer 'SULFATE ION'
4 water water
#
loop_
_entity_poly.entity_id
_entity_poly.type
_entity_poly.pdbx_seq_one_letter_code
_entity_poly.pdbx_strand_id
1 'polypeptide(L)'
;MGSSHHHHHHSSGGENLYFQGHMKPTQVMPSRAPKVGRLIYTAGGYFRQSLSYLEAYNPSDGTWLRLADLQVPRSGLAGC
VVGGLLYAVGGRNNSPDGNTDSSALDCYNPMTNQWSPCAPMSVPRNRIGVGVIDGHIYAVGGSHGCIHHNSVERYEPERD
EWHLVAPMLTRRIGVGVAVLNRLLYAVGGFDGTNRLNSAECYYPERNEWRMITAMNTIRSGAGVCVLHNCIYAAGGYDGQ
DQLNSVERYDVATATWTFVAPMKHRRSALGITVHQGRIYVLGGYDGHTFLDSVECYDPDTDTWSEVTRMTSGRSGVGVAV
TMEPSRKQIDQQNSTS
;
A,B
2 'polypeptide(L)' LDEEAGEFL P
#
# COMPACT_ATOMS: atom_id res chain seq x y z
N THR A 42 -9.75 -19.05 8.67
CA THR A 42 -10.99 -19.26 7.93
C THR A 42 -12.19 -19.33 8.86
N ALA A 43 -13.30 -18.73 8.43
CA ALA A 43 -14.52 -18.69 9.20
C ALA A 43 -15.68 -19.17 8.34
N GLY A 44 -16.52 -20.02 8.93
CA GLY A 44 -17.68 -20.52 8.21
C GLY A 44 -17.34 -21.62 7.23
N GLY A 45 -18.15 -21.72 6.19
CA GLY A 45 -17.98 -22.73 5.16
C GLY A 45 -19.19 -23.63 5.05
N TYR A 46 -19.12 -24.56 4.10
CA TYR A 46 -20.22 -25.48 3.85
C TYR A 46 -19.67 -26.86 3.53
N PHE A 47 -20.20 -27.86 4.22
CA PHE A 47 -20.02 -29.26 3.84
C PHE A 47 -21.25 -29.99 4.38
N ARG A 48 -22.16 -30.35 3.48
CA ARG A 48 -23.47 -30.94 3.81
C ARG A 48 -24.38 -29.92 4.48
N GLN A 49 -23.81 -28.95 5.20
CA GLN A 49 -24.58 -27.87 5.81
C GLN A 49 -23.64 -26.72 6.10
N SER A 50 -24.21 -25.58 6.44
CA SER A 50 -23.39 -24.43 6.81
C SER A 50 -22.68 -24.69 8.14
N LEU A 51 -21.49 -24.10 8.28
CA LEU A 51 -20.58 -24.44 9.35
C LEU A 51 -20.30 -23.25 10.25
N SER A 52 -20.03 -23.54 11.52
CA SER A 52 -19.64 -22.55 12.51
C SER A 52 -18.14 -22.49 12.73
N TYR A 53 -17.36 -23.24 11.94
CA TYR A 53 -15.94 -23.39 12.21
C TYR A 53 -15.20 -22.06 12.08
N LEU A 54 -14.44 -21.70 13.11
CA LEU A 54 -13.37 -20.72 13.02
C LEU A 54 -12.08 -21.44 13.43
N GLU A 55 -11.18 -21.65 12.48
CA GLU A 55 -10.06 -22.55 12.70
C GLU A 55 -8.90 -22.17 11.79
N ALA A 56 -7.74 -21.96 12.39
CA ALA A 56 -6.61 -21.36 11.69
C ALA A 56 -5.63 -22.41 11.19
N TYR A 57 -4.68 -21.94 10.38
CA TYR A 57 -3.64 -22.78 9.80
C TYR A 57 -2.32 -22.03 9.81
N ASN A 58 -1.26 -22.71 10.21
CA ASN A 58 0.07 -22.10 10.22
C ASN A 58 0.89 -22.70 9.08
N PRO A 59 1.04 -21.99 7.96
CA PRO A 59 1.93 -22.49 6.89
C PRO A 59 3.38 -22.64 7.33
N SER A 60 3.75 -22.09 8.49
CA SER A 60 5.06 -22.35 9.05
C SER A 60 5.09 -23.67 9.81
N ASP A 61 4.06 -23.94 10.61
CA ASP A 61 3.95 -25.21 11.34
C ASP A 61 3.27 -26.27 10.47
N GLY A 62 1.97 -26.10 10.24
CA GLY A 62 1.22 -26.97 9.35
C GLY A 62 0.08 -27.74 9.98
N THR A 63 -0.03 -27.75 11.30
CA THR A 63 -1.08 -28.54 11.95
C THR A 63 -2.38 -27.75 12.01
N TRP A 64 -3.46 -28.45 12.31
CA TRP A 64 -4.80 -27.89 12.35
C TRP A 64 -5.37 -28.00 13.75
N LEU A 65 -5.98 -26.93 14.23
CA LEU A 65 -6.50 -26.88 15.59
C LEU A 65 -7.67 -25.92 15.62
N ARG A 66 -8.69 -26.28 16.40
CA ARG A 66 -9.95 -25.55 16.43
C ARG A 66 -9.84 -24.29 17.28
N LEU A 67 -10.76 -23.36 17.04
CA LEU A 67 -11.03 -22.18 17.87
C LEU A 67 -12.54 -22.07 18.06
N ALA A 68 -12.97 -20.96 18.68
CA ALA A 68 -14.38 -20.76 18.98
C ALA A 68 -15.22 -20.88 17.71
N ASP A 69 -16.31 -21.63 17.83
CA ASP A 69 -17.24 -21.70 16.73
C ASP A 69 -17.97 -20.37 16.56
N LEU A 70 -18.41 -20.12 15.33
CA LEU A 70 -19.32 -19.01 15.08
C LEU A 70 -20.59 -19.19 15.90
N GLN A 71 -21.22 -18.06 16.24
CA GLN A 71 -22.47 -18.11 16.98
C GLN A 71 -23.55 -18.80 16.16
N VAL A 72 -23.67 -18.42 14.88
CA VAL A 72 -24.62 -18.99 13.96
C VAL A 72 -23.83 -19.59 12.80
N PRO A 73 -24.12 -20.81 12.35
CA PRO A 73 -23.42 -21.36 11.19
C PRO A 73 -23.68 -20.52 9.95
N ARG A 74 -22.65 -20.35 9.13
CA ARG A 74 -22.79 -19.54 7.93
C ARG A 74 -21.87 -20.03 6.83
N SER A 75 -22.34 -19.88 5.59
CA SER A 75 -21.54 -20.12 4.41
C SER A 75 -21.90 -19.06 3.38
N GLY A 76 -21.04 -18.92 2.38
CA GLY A 76 -21.21 -17.80 1.44
C GLY A 76 -20.96 -16.46 2.08
N LEU A 77 -20.19 -16.43 3.15
CA LEU A 77 -19.84 -15.20 3.86
C LEU A 77 -18.46 -14.74 3.41
N ALA A 78 -18.08 -13.56 3.88
CA ALA A 78 -16.76 -13.01 3.60
C ALA A 78 -16.11 -12.59 4.90
N GLY A 79 -14.79 -12.71 4.95
CA GLY A 79 -14.03 -12.39 6.14
C GLY A 79 -13.00 -11.31 5.85
N CYS A 80 -12.69 -10.54 6.89
CA CYS A 80 -11.77 -9.40 6.76
C CYS A 80 -11.31 -8.99 8.13
N VAL A 81 -10.28 -8.15 8.17
CA VAL A 81 -9.70 -7.67 9.42
C VAL A 81 -9.84 -6.15 9.48
N VAL A 82 -10.05 -5.64 10.68
CA VAL A 82 -9.98 -4.21 10.96
C VAL A 82 -9.37 -4.05 12.35
N GLY A 83 -8.21 -3.40 12.42
CA GLY A 83 -7.54 -3.20 13.69
C GLY A 83 -7.17 -4.49 14.39
N GLY A 84 -6.78 -5.51 13.63
CA GLY A 84 -6.44 -6.81 14.16
C GLY A 84 -7.63 -7.73 14.35
N LEU A 85 -8.79 -7.19 14.71
CA LEU A 85 -9.97 -8.01 14.94
C LEU A 85 -10.47 -8.59 13.62
N LEU A 86 -11.04 -9.79 13.72
CA LEU A 86 -11.56 -10.51 12.56
C LEU A 86 -13.08 -10.43 12.55
N TYR A 87 -13.65 -10.06 11.40
CA TYR A 87 -15.09 -9.84 11.26
C TYR A 87 -15.62 -10.72 10.13
N ALA A 88 -16.58 -11.56 10.45
CA ALA A 88 -17.24 -12.42 9.47
C ALA A 88 -18.55 -11.77 9.05
N VAL A 89 -18.78 -11.69 7.74
CA VAL A 89 -19.76 -10.78 7.16
C VAL A 89 -20.69 -11.51 6.20
N GLY A 90 -21.99 -11.32 6.38
CA GLY A 90 -22.99 -11.86 5.48
C GLY A 90 -23.11 -13.36 5.53
N GLY A 91 -23.68 -13.92 4.47
CA GLY A 91 -23.77 -15.36 4.28
C GLY A 91 -25.19 -15.88 4.43
N ARG A 92 -25.27 -17.18 4.69
CA ARG A 92 -26.55 -17.82 5.00
C ARG A 92 -26.28 -19.12 5.75
N ASN A 93 -27.29 -19.58 6.48
CA ASN A 93 -27.22 -20.85 7.19
C ASN A 93 -28.08 -21.86 6.44
N ASN A 94 -27.41 -22.70 5.64
CA ASN A 94 -28.04 -23.77 4.88
C ASN A 94 -27.99 -25.02 5.74
N SER A 95 -29.13 -25.36 6.35
CA SER A 95 -29.21 -26.39 7.39
C SER A 95 -30.32 -27.37 7.08
N PRO A 96 -30.34 -28.52 7.75
CA PRO A 96 -31.44 -29.48 7.54
C PRO A 96 -32.83 -28.92 7.83
N ASP A 97 -32.95 -27.76 8.48
CA ASP A 97 -34.25 -27.20 8.81
C ASP A 97 -34.41 -25.75 8.36
N GLY A 98 -33.60 -25.28 7.41
CA GLY A 98 -33.76 -23.92 6.94
C GLY A 98 -32.67 -23.53 5.97
N ASN A 99 -32.85 -22.34 5.41
CA ASN A 99 -31.93 -21.78 4.43
C ASN A 99 -31.95 -20.26 4.52
N THR A 100 -31.58 -19.73 5.68
CA THR A 100 -31.84 -18.33 6.03
C THR A 100 -30.67 -17.45 5.63
N ASP A 101 -30.91 -16.53 4.69
CA ASP A 101 -29.88 -15.56 4.33
C ASP A 101 -29.57 -14.64 5.52
N SER A 102 -28.32 -14.25 5.64
CA SER A 102 -27.82 -13.57 6.83
C SER A 102 -27.53 -12.10 6.54
N SER A 103 -28.08 -11.22 7.37
CA SER A 103 -27.73 -9.81 7.38
C SER A 103 -26.83 -9.45 8.56
N ALA A 104 -26.45 -10.43 9.37
CA ALA A 104 -25.65 -10.17 10.55
C ALA A 104 -24.15 -10.15 10.20
N LEU A 105 -23.37 -9.63 11.12
CA LEU A 105 -21.92 -9.85 11.11
C LEU A 105 -21.41 -9.76 12.53
N ASP A 106 -20.42 -10.57 12.84
CA ASP A 106 -19.90 -10.72 14.19
C ASP A 106 -18.41 -10.46 14.19
N CYS A 107 -17.94 -9.81 15.25
CA CYS A 107 -16.53 -9.50 15.43
C CYS A 107 -15.91 -10.51 16.38
N TYR A 108 -14.74 -11.04 16.00
CA TYR A 108 -13.97 -11.92 16.85
C TYR A 108 -12.66 -11.23 17.22
N ASN A 109 -12.14 -11.56 18.41
CA ASN A 109 -10.89 -11.00 18.90
C ASN A 109 -9.90 -12.14 19.16
N PRO A 110 -8.72 -12.15 18.50
CA PRO A 110 -7.72 -13.19 18.80
C PRO A 110 -7.13 -13.07 20.20
N MET A 111 -7.40 -12.00 20.93
CA MET A 111 -6.87 -11.83 22.27
C MET A 111 -7.66 -12.60 23.33
N THR A 112 -8.89 -13.01 23.00
CA THR A 112 -9.77 -13.55 24.02
C THR A 112 -10.81 -14.53 23.50
N ASN A 113 -10.76 -14.92 22.23
CA ASN A 113 -11.58 -16.03 21.74
C ASN A 113 -13.05 -15.78 22.14
N GLN A 114 -13.60 -14.65 21.64
CA GLN A 114 -15.01 -14.36 21.77
C GLN A 114 -15.53 -13.74 20.48
N TRP A 115 -16.70 -14.21 20.06
CA TRP A 115 -17.45 -13.58 19.00
C TRP A 115 -18.48 -12.68 19.63
N SER A 116 -18.54 -11.44 19.17
CA SER A 116 -19.45 -10.44 19.74
C SER A 116 -20.26 -9.84 18.60
N PRO A 117 -21.58 -9.97 18.63
CA PRO A 117 -22.40 -9.41 17.54
C PRO A 117 -22.26 -7.90 17.44
N CYS A 118 -22.21 -7.41 16.20
CA CYS A 118 -22.32 -6.00 15.88
C CYS A 118 -23.61 -5.74 15.11
N ALA A 119 -23.86 -4.47 14.78
CA ALA A 119 -25.12 -4.09 14.17
C ALA A 119 -25.27 -4.79 12.82
N PRO A 120 -26.47 -5.28 12.49
CA PRO A 120 -26.66 -5.95 11.20
C PRO A 120 -26.93 -4.95 10.08
N MET A 121 -26.92 -5.49 8.85
CA MET A 121 -27.11 -4.65 7.67
C MET A 121 -28.59 -4.33 7.47
N SER A 122 -28.86 -3.60 6.38
CA SER A 122 -30.24 -3.33 6.01
C SER A 122 -30.90 -4.53 5.36
N VAL A 123 -30.14 -5.37 4.66
CA VAL A 123 -30.67 -6.56 4.01
C VAL A 123 -29.67 -7.70 4.13
N PRO A 124 -30.17 -8.94 4.12
CA PRO A 124 -29.24 -10.08 4.14
C PRO A 124 -28.53 -10.25 2.80
N ARG A 125 -27.30 -10.76 2.88
CA ARG A 125 -26.41 -10.84 1.71
C ARG A 125 -25.72 -12.20 1.72
N ASN A 126 -26.31 -13.17 1.03
CA ASN A 126 -25.62 -14.42 0.75
C ASN A 126 -24.68 -14.22 -0.43
N ARG A 127 -23.50 -14.85 -0.37
CA ARG A 127 -22.49 -14.75 -1.43
C ARG A 127 -22.04 -13.30 -1.60
N ILE A 128 -21.69 -12.69 -0.48
CA ILE A 128 -21.33 -11.29 -0.42
C ILE A 128 -19.85 -11.12 -0.74
N GLY A 129 -19.49 -9.90 -1.13
CA GLY A 129 -18.10 -9.48 -1.21
C GLY A 129 -17.86 -8.29 -0.31
N VAL A 130 -16.67 -8.23 0.29
CA VAL A 130 -16.34 -7.19 1.25
C VAL A 130 -14.94 -6.66 0.96
N GLY A 131 -14.76 -5.37 1.17
CA GLY A 131 -13.47 -4.74 0.98
C GLY A 131 -13.14 -3.83 2.14
N VAL A 132 -11.87 -3.79 2.50
CA VAL A 132 -11.37 -3.03 3.64
C VAL A 132 -10.53 -1.88 3.13
N ILE A 133 -10.98 -0.66 3.39
CA ILE A 133 -10.18 0.55 3.15
C ILE A 133 -10.11 1.35 4.44
N ASP A 134 -8.89 1.68 4.86
CA ASP A 134 -8.62 2.45 6.07
C ASP A 134 -9.21 1.77 7.30
N GLY A 135 -9.33 0.44 7.24
CA GLY A 135 -9.99 -0.29 8.32
C GLY A 135 -11.48 -0.03 8.40
N HIS A 136 -12.14 0.17 7.26
CA HIS A 136 -13.58 0.34 7.19
C HIS A 136 -14.17 -0.82 6.37
N ILE A 137 -15.46 -1.08 6.62
CA ILE A 137 -16.13 -2.27 6.10
C ILE A 137 -17.10 -1.86 5.01
N TYR A 138 -16.90 -2.38 3.80
CA TYR A 138 -17.81 -2.20 2.68
C TYR A 138 -18.44 -3.54 2.31
N ALA A 139 -19.76 -3.57 2.23
CA ALA A 139 -20.53 -4.78 1.94
C ALA A 139 -21.14 -4.66 0.55
N VAL A 140 -20.84 -5.62 -0.32
CA VAL A 140 -21.12 -5.49 -1.75
C VAL A 140 -22.07 -6.61 -2.18
N GLY A 141 -23.21 -6.22 -2.73
CA GLY A 141 -24.03 -7.16 -3.49
C GLY A 141 -24.61 -8.26 -2.63
N GLY A 142 -24.47 -9.50 -3.10
CA GLY A 142 -25.05 -10.64 -2.43
C GLY A 142 -26.52 -10.84 -2.81
N SER A 143 -27.08 -11.94 -2.32
CA SER A 143 -28.46 -12.27 -2.62
C SER A 143 -29.27 -12.46 -1.34
N HIS A 144 -30.58 -12.26 -1.49
CA HIS A 144 -31.55 -12.55 -0.44
C HIS A 144 -32.75 -13.21 -1.13
N GLY A 145 -32.86 -14.52 -1.01
CA GLY A 145 -33.86 -15.24 -1.77
C GLY A 145 -33.55 -15.13 -3.26
N CYS A 146 -34.55 -14.72 -4.02
CA CYS A 146 -34.42 -14.52 -5.47
CA CYS A 146 -34.37 -14.54 -5.46
C CYS A 146 -33.89 -13.15 -5.83
N ILE A 147 -33.69 -12.27 -4.85
CA ILE A 147 -33.26 -10.90 -5.12
C ILE A 147 -31.74 -10.86 -5.13
N HIS A 148 -31.16 -10.39 -6.24
CA HIS A 148 -29.72 -10.23 -6.37
C HIS A 148 -29.38 -8.76 -6.20
N HIS A 149 -28.67 -8.43 -5.12
CA HIS A 149 -28.45 -7.04 -4.76
C HIS A 149 -27.47 -6.36 -5.72
N ASN A 150 -27.77 -5.12 -6.07
CA ASN A 150 -26.76 -4.19 -6.54
C ASN A 150 -26.38 -3.18 -5.47
N SER A 151 -27.09 -3.20 -4.33
CA SER A 151 -26.85 -2.24 -3.26
C SER A 151 -25.51 -2.52 -2.58
N VAL A 152 -24.94 -1.46 -2.01
CA VAL A 152 -23.68 -1.52 -1.30
C VAL A 152 -23.82 -0.73 -0.01
N GLU A 153 -23.19 -1.21 1.06
CA GLU A 153 -23.31 -0.59 2.37
C GLU A 153 -21.93 -0.44 3.02
N ARG A 154 -21.90 0.33 4.10
CA ARG A 154 -20.66 0.85 4.66
C ARG A 154 -20.73 0.81 6.17
N TYR A 155 -19.67 0.29 6.81
CA TYR A 155 -19.66 0.04 8.25
C TYR A 155 -18.40 0.61 8.87
N GLU A 156 -18.56 1.25 10.02
CA GLU A 156 -17.47 1.91 10.74
C GLU A 156 -17.22 1.23 12.08
N PRO A 157 -16.12 0.49 12.24
CA PRO A 157 -15.88 -0.22 13.51
C PRO A 157 -15.71 0.70 14.71
N GLU A 158 -15.29 1.95 14.50
CA GLU A 158 -15.30 2.92 15.60
C GLU A 158 -16.71 3.08 16.17
N ARG A 159 -17.70 3.26 15.28
CA ARG A 159 -19.03 3.68 15.66
C ARG A 159 -20.07 2.57 15.59
N ASP A 160 -19.92 1.61 14.68
CA ASP A 160 -20.76 0.41 14.60
C ASP A 160 -22.10 0.69 13.92
N GLU A 161 -22.09 1.00 12.62
CA GLU A 161 -23.32 1.36 11.93
C GLU A 161 -23.24 0.95 10.46
N TRP A 162 -24.35 1.17 9.75
CA TRP A 162 -24.48 0.85 8.33
C TRP A 162 -25.30 1.95 7.65
N HIS A 163 -24.82 2.44 6.50
CA HIS A 163 -25.62 3.33 5.66
C HIS A 163 -25.46 2.96 4.19
N LEU A 164 -26.54 3.16 3.43
CA LEU A 164 -26.54 2.83 2.01
C LEU A 164 -25.68 3.82 1.23
N VAL A 165 -24.99 3.31 0.22
CA VAL A 165 -24.32 4.16 -0.76
C VAL A 165 -24.97 3.88 -2.11
N ALA A 166 -24.41 4.44 -3.18
CA ALA A 166 -25.02 4.29 -4.49
C ALA A 166 -24.97 2.83 -4.93
N PRO A 167 -26.01 2.36 -5.62
CA PRO A 167 -25.99 0.98 -6.14
C PRO A 167 -24.92 0.81 -7.21
N MET A 168 -24.52 -0.45 -7.41
CA MET A 168 -23.61 -0.79 -8.49
C MET A 168 -24.32 -0.65 -9.83
N LEU A 169 -23.53 -0.64 -10.90
CA LEU A 169 -24.11 -0.74 -12.24
C LEU A 169 -24.79 -2.09 -12.44
N THR A 170 -24.30 -3.12 -11.75
CA THR A 170 -24.71 -4.49 -12.01
C THR A 170 -25.04 -5.17 -10.68
N ARG A 171 -26.12 -5.94 -10.68
CA ARG A 171 -26.39 -6.83 -9.56
C ARG A 171 -25.39 -7.97 -9.58
N ARG A 172 -24.79 -8.26 -8.42
CA ARG A 172 -23.67 -9.19 -8.35
C ARG A 172 -23.75 -9.99 -7.05
N ILE A 173 -23.92 -11.30 -7.18
CA ILE A 173 -23.73 -12.22 -6.07
C ILE A 173 -22.56 -13.13 -6.44
N GLY A 174 -21.87 -13.64 -5.42
CA GLY A 174 -20.60 -14.28 -5.68
C GLY A 174 -19.60 -13.33 -6.28
N VAL A 175 -19.67 -12.06 -5.91
CA VAL A 175 -18.82 -11.02 -6.47
C VAL A 175 -17.50 -10.99 -5.71
N GLY A 176 -16.40 -10.89 -6.44
CA GLY A 176 -15.09 -10.71 -5.82
C GLY A 176 -14.84 -9.24 -5.58
N VAL A 177 -14.39 -8.92 -4.38
CA VAL A 177 -14.17 -7.53 -3.98
C VAL A 177 -12.74 -7.38 -3.50
N ALA A 178 -12.04 -6.40 -4.07
CA ALA A 178 -10.68 -6.10 -3.70
C ALA A 178 -10.51 -4.60 -3.62
N VAL A 179 -9.56 -4.17 -2.80
CA VAL A 179 -9.33 -2.75 -2.57
C VAL A 179 -7.90 -2.44 -2.98
N LEU A 180 -7.74 -1.36 -3.73
CA LEU A 180 -6.43 -1.01 -4.27
C LEU A 180 -6.32 0.50 -4.39
N ASN A 181 -5.20 1.05 -3.90
CA ASN A 181 -5.00 2.49 -3.85
C ASN A 181 -6.22 3.18 -3.26
N ARG A 182 -6.82 2.52 -2.28
CA ARG A 182 -8.02 2.98 -1.58
C ARG A 182 -9.17 3.22 -2.55
N LEU A 183 -9.29 2.32 -3.53
CA LEU A 183 -10.43 2.23 -4.41
C LEU A 183 -11.08 0.86 -4.24
N LEU A 184 -12.41 0.83 -4.33
CA LEU A 184 -13.20 -0.37 -4.06
C LEU A 184 -13.68 -0.96 -5.38
N TYR A 185 -13.22 -2.17 -5.68
CA TYR A 185 -13.54 -2.83 -6.94
C TYR A 185 -14.48 -4.00 -6.70
N ALA A 186 -15.46 -4.14 -7.59
CA ALA A 186 -16.39 -5.27 -7.61
C ALA A 186 -16.13 -6.06 -8.87
N VAL A 187 -15.76 -7.33 -8.71
CA VAL A 187 -15.22 -8.14 -9.81
C VAL A 187 -16.09 -9.38 -10.01
N GLY A 188 -16.60 -9.54 -11.22
CA GLY A 188 -17.30 -10.74 -11.62
C GLY A 188 -18.61 -10.94 -10.88
N GLY A 189 -19.00 -12.19 -10.75
CA GLY A 189 -20.20 -12.53 -10.03
C GLY A 189 -21.33 -13.04 -10.90
N PHE A 190 -22.55 -12.87 -10.42
CA PHE A 190 -23.73 -13.45 -11.04
C PHE A 190 -24.89 -12.50 -10.80
N ASP A 191 -25.60 -12.11 -11.87
CA ASP A 191 -26.68 -11.14 -11.73
C ASP A 191 -28.04 -11.78 -11.60
N GLY A 192 -28.12 -13.11 -11.52
CA GLY A 192 -29.36 -13.84 -11.51
C GLY A 192 -29.66 -14.56 -12.81
N THR A 193 -29.03 -14.16 -13.91
CA THR A 193 -29.23 -14.81 -15.20
C THR A 193 -27.88 -15.11 -15.85
N ASN A 194 -27.00 -14.10 -15.90
CA ASN A 194 -25.69 -14.24 -16.51
C ASN A 194 -24.60 -14.18 -15.45
N ARG A 195 -23.57 -15.02 -15.64
CA ARG A 195 -22.34 -14.84 -14.89
C ARG A 195 -21.46 -13.84 -15.62
N LEU A 196 -20.62 -13.15 -14.85
CA LEU A 196 -20.03 -11.89 -15.29
C LEU A 196 -18.52 -11.98 -15.39
N ASN A 197 -17.97 -11.35 -16.44
CA ASN A 197 -16.55 -11.04 -16.49
C ASN A 197 -16.29 -9.56 -16.29
N SER A 198 -17.34 -8.76 -16.13
CA SER A 198 -17.20 -7.32 -15.94
C SER A 198 -16.70 -7.01 -14.54
N ALA A 199 -16.07 -5.85 -14.41
CA ALA A 199 -15.69 -5.33 -13.10
C ALA A 199 -15.94 -3.83 -13.09
N GLU A 200 -16.11 -3.29 -11.88
CA GLU A 200 -16.38 -1.86 -11.71
C GLU A 200 -15.67 -1.37 -10.46
N CYS A 201 -15.47 -0.05 -10.41
CA CYS A 201 -14.70 0.60 -9.37
C CYS A 201 -15.57 1.63 -8.66
N TYR A 202 -15.31 1.83 -7.36
CA TYR A 202 -16.09 2.74 -6.54
C TYR A 202 -15.20 3.87 -6.02
N TYR A 203 -15.77 5.07 -5.94
CA TYR A 203 -15.06 6.24 -5.45
C TYR A 203 -15.64 6.68 -4.11
N PRO A 204 -14.90 6.60 -3.01
CA PRO A 204 -15.44 7.01 -1.71
C PRO A 204 -15.77 8.50 -1.60
N GLU A 205 -15.50 9.29 -2.63
CA GLU A 205 -15.69 10.74 -2.55
C GLU A 205 -16.93 11.24 -3.28
N ARG A 206 -17.49 10.47 -4.21
CA ARG A 206 -18.62 10.94 -5.02
C ARG A 206 -19.78 9.96 -5.10
N ASN A 207 -19.67 8.78 -4.48
CA ASN A 207 -20.75 7.79 -4.52
C ASN A 207 -21.12 7.43 -5.95
N GLU A 208 -20.11 7.02 -6.72
CA GLU A 208 -20.31 6.70 -8.12
C GLU A 208 -19.51 5.45 -8.47
N TRP A 209 -20.12 4.58 -9.27
CA TRP A 209 -19.48 3.37 -9.74
C TRP A 209 -19.10 3.50 -11.20
N ARG A 210 -17.94 2.98 -11.56
CA ARG A 210 -17.41 3.11 -12.91
C ARG A 210 -17.02 1.74 -13.44
N MET A 211 -17.62 1.35 -14.56
CA MET A 211 -17.20 0.13 -15.24
C MET A 211 -15.78 0.27 -15.74
N ILE A 212 -14.98 -0.78 -15.56
CA ILE A 212 -13.62 -0.80 -16.06
C ILE A 212 -13.50 -1.89 -17.11
N THR A 213 -12.26 -2.23 -17.49
CA THR A 213 -12.04 -3.32 -18.43
C THR A 213 -12.51 -4.64 -17.81
N ALA A 214 -13.21 -5.44 -18.62
CA ALA A 214 -13.70 -6.72 -18.17
C ALA A 214 -12.59 -7.76 -18.17
N MET A 215 -12.73 -8.76 -17.31
CA MET A 215 -11.78 -9.86 -17.24
C MET A 215 -11.77 -10.64 -18.55
N ASN A 216 -10.70 -11.42 -18.75
CA ASN A 216 -10.65 -12.32 -19.89
C ASN A 216 -11.56 -13.53 -19.72
N THR A 217 -11.99 -13.82 -18.48
CA THR A 217 -12.78 -15.01 -18.19
C THR A 217 -13.97 -14.63 -17.31
N ILE A 218 -15.14 -15.17 -17.65
CA ILE A 218 -16.30 -15.04 -16.79
C ILE A 218 -16.06 -15.80 -15.49
N ARG A 219 -16.24 -15.14 -14.35
CA ARG A 219 -15.93 -15.73 -13.06
C ARG A 219 -16.99 -15.34 -12.06
N SER A 220 -17.73 -16.32 -11.56
CA SER A 220 -18.60 -16.17 -10.41
C SER A 220 -18.07 -17.06 -9.29
N GLY A 221 -18.09 -16.54 -8.07
CA GLY A 221 -17.53 -17.28 -6.96
C GLY A 221 -16.02 -17.45 -7.06
N ALA A 222 -15.33 -16.50 -7.67
CA ALA A 222 -13.87 -16.54 -7.75
C ALA A 222 -13.26 -16.06 -6.44
N GLY A 223 -11.97 -16.30 -6.29
CA GLY A 223 -11.19 -15.74 -5.20
C GLY A 223 -10.48 -14.51 -5.70
N VAL A 224 -10.84 -13.36 -5.11
CA VAL A 224 -10.34 -12.07 -5.58
C VAL A 224 -9.65 -11.37 -4.42
N CYS A 225 -8.41 -10.95 -4.65
CA CYS A 225 -7.61 -10.25 -3.66
C CYS A 225 -6.55 -9.45 -4.40
N VAL A 226 -5.97 -8.47 -3.68
CA VAL A 226 -4.88 -7.68 -4.20
C VAL A 226 -3.57 -8.22 -3.63
N LEU A 227 -2.61 -8.48 -4.51
CA LEU A 227 -1.29 -8.96 -4.12
C LEU A 227 -0.24 -8.06 -4.76
N HIS A 228 0.67 -7.53 -3.93
CA HIS A 228 1.72 -6.62 -4.38
C HIS A 228 1.12 -5.41 -5.11
N ASN A 229 1.09 -5.46 -6.44
CA ASN A 229 0.60 -4.32 -7.21
C ASN A 229 -0.92 -4.24 -7.17
N CYS A 230 -1.60 -5.06 -7.96
CA CYS A 230 -3.04 -4.88 -8.15
C CYS A 230 -3.86 -6.15 -7.99
N ILE A 231 -4.95 -6.26 -8.75
CA ILE A 231 -6.05 -7.18 -8.46
C ILE A 231 -5.79 -8.54 -9.10
N TYR A 232 -5.89 -9.60 -8.30
CA TYR A 232 -5.84 -10.98 -8.76
C TYR A 232 -7.23 -11.59 -8.72
N ALA A 233 -7.57 -12.38 -9.74
CA ALA A 233 -8.84 -13.08 -9.81
C ALA A 233 -8.56 -14.56 -10.00
N ALA A 234 -8.87 -15.37 -8.99
CA ALA A 234 -8.48 -16.76 -8.94
C ALA A 234 -9.70 -17.66 -9.04
N GLY A 235 -9.70 -18.54 -10.04
CA GLY A 235 -10.72 -19.56 -10.18
C GLY A 235 -12.11 -19.01 -10.40
N GLY A 236 -13.09 -19.71 -9.86
CA GLY A 236 -14.48 -19.35 -9.98
C GLY A 236 -15.24 -20.33 -10.87
N TYR A 237 -16.47 -19.93 -11.19
CA TYR A 237 -17.38 -20.73 -12.02
C TYR A 237 -17.95 -19.84 -13.10
N ASP A 238 -17.88 -20.30 -14.35
CA ASP A 238 -18.32 -19.51 -15.50
C ASP A 238 -19.65 -19.98 -16.07
N GLY A 239 -20.37 -20.85 -15.37
CA GLY A 239 -21.63 -21.37 -15.84
C GLY A 239 -21.58 -22.76 -16.42
N GLN A 240 -20.38 -23.31 -16.64
CA GLN A 240 -20.27 -24.67 -17.14
C GLN A 240 -19.15 -25.44 -16.44
N ASP A 241 -18.03 -24.76 -16.15
CA ASP A 241 -16.90 -25.40 -15.50
C ASP A 241 -16.41 -24.56 -14.33
N GLN A 242 -15.87 -25.23 -13.33
CA GLN A 242 -15.03 -24.53 -12.36
C GLN A 242 -13.69 -24.20 -13.00
N LEU A 243 -13.02 -23.18 -12.46
CA LEU A 243 -11.85 -22.61 -13.10
C LEU A 243 -10.61 -22.85 -12.25
N ASN A 244 -9.53 -23.28 -12.89
CA ASN A 244 -8.21 -23.26 -12.29
C ASN A 244 -7.35 -22.12 -12.83
N SER A 245 -7.72 -21.55 -13.97
CA SER A 245 -7.00 -20.39 -14.48
C SER A 245 -7.15 -19.21 -13.54
N VAL A 246 -6.12 -18.38 -13.48
CA VAL A 246 -6.06 -17.24 -12.57
C VAL A 246 -5.66 -16.00 -13.38
N GLU A 247 -6.43 -14.94 -13.24
CA GLU A 247 -6.19 -13.70 -13.96
C GLU A 247 -5.62 -12.64 -13.04
N ARG A 248 -5.07 -11.60 -13.65
CA ARG A 248 -4.44 -10.53 -12.89
C ARG A 248 -4.62 -9.21 -13.61
N TYR A 249 -5.08 -8.20 -12.88
CA TYR A 249 -5.35 -6.87 -13.42
C TYR A 249 -4.22 -5.93 -13.10
N ASP A 250 -3.88 -5.06 -14.03
CA ASP A 250 -2.88 -4.00 -13.84
C ASP A 250 -3.54 -2.66 -14.11
N VAL A 251 -3.55 -1.79 -13.11
CA VAL A 251 -4.38 -0.57 -13.20
C VAL A 251 -3.76 0.44 -14.15
N ALA A 252 -2.42 0.55 -14.16
CA ALA A 252 -1.77 1.52 -15.03
C ALA A 252 -2.07 1.25 -16.50
N THR A 253 -2.01 -0.01 -16.91
CA THR A 253 -2.32 -0.40 -18.29
C THR A 253 -3.77 -0.78 -18.48
N ALA A 254 -4.58 -0.79 -17.41
CA ALA A 254 -6.00 -1.17 -17.48
C ALA A 254 -6.16 -2.50 -18.21
N THR A 255 -5.28 -3.45 -17.89
CA THR A 255 -5.15 -4.70 -18.63
C THR A 255 -5.26 -5.88 -17.68
N TRP A 256 -6.06 -6.88 -18.07
CA TRP A 256 -6.05 -8.17 -17.39
C TRP A 256 -5.11 -9.10 -18.14
N THR A 257 -4.25 -9.78 -17.40
CA THR A 257 -3.31 -10.73 -17.99
C THR A 257 -3.32 -12.04 -17.22
N PHE A 258 -3.25 -13.14 -17.96
CA PHE A 258 -3.30 -14.46 -17.35
C PHE A 258 -1.98 -14.79 -16.65
N VAL A 259 -2.08 -15.65 -15.64
CA VAL A 259 -0.93 -16.22 -14.96
C VAL A 259 -1.19 -17.72 -14.85
N ALA A 260 -0.17 -18.46 -14.42
CA ALA A 260 -0.22 -19.92 -14.41
C ALA A 260 -1.45 -20.41 -13.66
N PRO A 261 -2.11 -21.46 -14.14
CA PRO A 261 -3.32 -21.96 -13.47
C PRO A 261 -3.01 -22.99 -12.41
N MET A 262 -3.89 -23.07 -11.42
CA MET A 262 -3.75 -24.05 -10.36
C MET A 262 -3.96 -25.46 -10.89
N LYS A 263 -3.59 -26.45 -10.06
CA LYS A 263 -3.72 -27.84 -10.46
C LYS A 263 -5.16 -28.33 -10.37
N HIS A 264 -5.94 -27.81 -9.43
CA HIS A 264 -7.32 -28.24 -9.22
C HIS A 264 -8.26 -27.05 -9.29
N ARG A 265 -9.33 -27.19 -10.05
CA ARG A 265 -10.32 -26.12 -10.20
C ARG A 265 -11.06 -25.89 -8.89
N ARG A 266 -11.56 -24.66 -8.71
CA ARG A 266 -12.29 -24.33 -7.49
C ARG A 266 -13.10 -23.06 -7.70
N SER A 267 -14.35 -23.10 -7.26
CA SER A 267 -15.20 -21.93 -7.08
C SER A 267 -15.64 -21.89 -5.63
N ALA A 268 -16.07 -20.70 -5.18
CA ALA A 268 -16.48 -20.48 -3.79
C ALA A 268 -15.33 -20.78 -2.82
N LEU A 269 -14.18 -20.14 -3.08
CA LEU A 269 -12.97 -20.34 -2.31
C LEU A 269 -12.68 -19.09 -1.48
N GLY A 270 -11.92 -19.31 -0.40
CA GLY A 270 -11.41 -18.19 0.37
C GLY A 270 -10.08 -17.70 -0.15
N ILE A 271 -9.73 -16.47 0.22
CA ILE A 271 -8.50 -15.84 -0.25
C ILE A 271 -8.05 -14.80 0.78
N THR A 272 -6.74 -14.70 0.97
CA THR A 272 -6.18 -13.80 1.98
C THR A 272 -4.71 -13.56 1.67
N VAL A 273 -4.22 -12.36 2.00
CA VAL A 273 -2.84 -11.97 1.76
C VAL A 273 -2.20 -11.53 3.08
N HIS A 274 -0.92 -11.89 3.26
CA HIS A 274 -0.18 -11.47 4.44
C HIS A 274 1.33 -11.43 4.20
N GLN A 275 1.87 -12.49 3.62
CA GLN A 275 3.32 -12.63 3.43
C GLN A 275 3.68 -12.85 1.97
N GLY A 276 2.89 -12.32 1.05
CA GLY A 276 2.99 -12.71 -0.35
C GLY A 276 2.62 -14.17 -0.51
N ARG A 277 2.75 -14.67 -1.75
CA ARG A 277 2.63 -16.09 -2.03
C ARG A 277 1.26 -16.64 -1.57
N ILE A 278 0.23 -16.18 -2.26
CA ILE A 278 -1.13 -16.34 -1.75
C ILE A 278 -1.59 -17.78 -1.95
N TYR A 279 -2.25 -18.30 -0.92
CA TYR A 279 -2.83 -19.64 -0.92
C TYR A 279 -4.32 -19.55 -1.21
N VAL A 280 -4.85 -20.66 -1.71
CA VAL A 280 -6.28 -20.81 -1.97
C VAL A 280 -6.81 -21.93 -1.10
N LEU A 281 -7.92 -21.68 -0.42
CA LEU A 281 -8.45 -22.61 0.58
C LEU A 281 -9.96 -22.72 0.44
N GLY A 282 -10.46 -23.95 0.45
CA GLY A 282 -11.88 -24.19 0.26
C GLY A 282 -12.30 -24.07 -1.20
N GLY A 283 -13.57 -24.42 -1.44
CA GLY A 283 -14.20 -24.35 -2.73
C GLY A 283 -14.89 -25.65 -3.12
N TYR A 284 -15.09 -25.82 -4.43
CA TYR A 284 -15.86 -26.94 -4.96
C TYR A 284 -15.60 -27.02 -6.46
N ASP A 285 -15.46 -28.25 -6.98
CA ASP A 285 -15.10 -28.43 -8.38
C ASP A 285 -16.19 -29.09 -9.21
N GLY A 286 -17.35 -29.38 -8.63
CA GLY A 286 -18.45 -29.97 -9.36
C GLY A 286 -18.83 -31.36 -8.91
N HIS A 287 -18.04 -32.00 -8.06
CA HIS A 287 -18.38 -33.35 -7.60
C HIS A 287 -17.99 -33.55 -6.14
N THR A 288 -16.78 -33.13 -5.78
CA THR A 288 -16.30 -33.24 -4.42
C THR A 288 -16.01 -31.85 -3.86
N PHE A 289 -16.37 -31.64 -2.60
CA PHE A 289 -15.95 -30.44 -1.90
C PHE A 289 -14.45 -30.52 -1.71
N LEU A 290 -13.72 -29.78 -2.53
CA LEU A 290 -12.31 -30.07 -2.75
C LEU A 290 -11.55 -30.00 -1.44
N ASP A 291 -10.45 -30.74 -1.39
CA ASP A 291 -9.55 -30.74 -0.24
C ASP A 291 -8.12 -30.50 -0.74
N SER A 292 -7.88 -29.27 -1.20
CA SER A 292 -6.55 -28.85 -1.63
C SER A 292 -6.31 -27.41 -1.21
N VAL A 293 -5.11 -27.17 -0.67
CA VAL A 293 -4.61 -25.82 -0.46
C VAL A 293 -3.43 -25.65 -1.41
N GLU A 294 -3.63 -24.90 -2.48
CA GLU A 294 -2.61 -24.65 -3.47
C GLU A 294 -1.92 -23.32 -3.19
N CYS A 295 -0.61 -23.28 -3.48
CA CYS A 295 0.21 -22.09 -3.23
C CYS A 295 0.86 -21.66 -4.54
N TYR A 296 0.62 -20.41 -4.92
CA TYR A 296 1.18 -19.82 -6.13
C TYR A 296 2.33 -18.90 -5.73
N ASP A 297 3.50 -19.16 -6.28
CA ASP A 297 4.59 -18.24 -6.03
C ASP A 297 4.68 -17.24 -7.17
N PRO A 298 4.73 -15.93 -6.88
CA PRO A 298 4.69 -14.94 -7.97
C PRO A 298 5.98 -14.86 -8.77
N ASP A 299 7.06 -15.51 -8.35
CA ASP A 299 8.34 -15.39 -9.05
C ASP A 299 8.49 -16.46 -10.13
N THR A 300 8.44 -17.73 -9.74
CA THR A 300 8.49 -18.81 -10.71
C THR A 300 7.12 -19.14 -11.31
N ASP A 301 6.04 -18.64 -10.70
CA ASP A 301 4.69 -18.79 -11.22
C ASP A 301 4.30 -20.27 -11.34
N THR A 302 4.40 -20.97 -10.21
CA THR A 302 4.01 -22.37 -10.13
C THR A 302 2.94 -22.53 -9.06
N TRP A 303 2.20 -23.64 -9.17
CA TRP A 303 1.26 -24.05 -8.15
C TRP A 303 1.66 -25.41 -7.62
N SER A 304 1.36 -25.66 -6.35
CA SER A 304 1.64 -26.95 -5.73
C SER A 304 0.83 -27.04 -4.44
N GLU A 305 0.29 -28.23 -4.18
CA GLU A 305 -0.54 -28.43 -3.00
C GLU A 305 0.34 -28.45 -1.75
N VAL A 306 0.01 -27.59 -0.79
CA VAL A 306 0.83 -27.45 0.41
C VAL A 306 0.32 -28.32 1.55
N THR A 307 -0.99 -28.32 1.79
CA THR A 307 -1.52 -28.96 2.99
C THR A 307 -3.00 -29.26 2.77
N ARG A 308 -3.66 -29.75 3.82
CA ARG A 308 -5.10 -29.98 3.79
C ARG A 308 -5.66 -30.05 5.20
N MET A 309 -6.76 -29.34 5.43
CA MET A 309 -7.56 -29.45 6.63
C MET A 309 -8.39 -30.73 6.59
N THR A 310 -8.97 -31.07 7.74
CA THR A 310 -9.56 -32.39 7.94
C THR A 310 -10.71 -32.69 6.98
N SER A 311 -11.37 -31.68 6.42
CA SER A 311 -12.57 -31.95 5.65
C SER A 311 -12.73 -30.94 4.51
N GLY A 312 -13.38 -31.40 3.44
CA GLY A 312 -13.67 -30.51 2.34
C GLY A 312 -14.69 -29.45 2.73
N ARG A 313 -14.64 -28.33 2.02
CA ARG A 313 -15.37 -27.16 2.48
C ARG A 313 -15.39 -26.11 1.38
N SER A 314 -16.46 -25.31 1.34
CA SER A 314 -16.61 -24.25 0.36
C SER A 314 -17.34 -23.08 0.98
N GLY A 315 -17.24 -21.92 0.34
CA GLY A 315 -18.02 -20.75 0.73
C GLY A 315 -17.55 -20.05 1.98
N VAL A 316 -16.24 -19.87 2.14
CA VAL A 316 -15.63 -19.41 3.39
C VAL A 316 -15.34 -17.92 3.34
N GLY A 317 -15.19 -17.33 4.52
CA GLY A 317 -14.69 -15.98 4.66
C GLY A 317 -13.35 -16.07 5.34
N VAL A 318 -12.32 -15.62 4.64
CA VAL A 318 -10.95 -15.78 5.10
C VAL A 318 -10.33 -14.40 5.27
N ALA A 319 -9.61 -14.24 6.38
CA ALA A 319 -8.66 -13.16 6.58
C ALA A 319 -7.65 -13.64 7.61
N VAL A 320 -6.54 -12.92 7.72
CA VAL A 320 -5.44 -13.31 8.59
C VAL A 320 -5.04 -12.14 9.47
N THR A 321 -4.82 -12.41 10.76
CA THR A 321 -4.22 -11.46 11.68
C THR A 321 -2.99 -12.08 12.34
N GLY B 37 5.47 11.16 21.15
CA GLY B 37 6.12 12.42 20.83
C GLY B 37 7.24 12.26 19.83
N ARG B 38 7.06 12.81 18.63
CA ARG B 38 8.04 12.71 17.56
C ARG B 38 8.55 14.10 17.19
N LEU B 39 9.81 14.17 16.77
CA LEU B 39 10.43 15.39 16.32
C LEU B 39 10.77 15.29 14.84
N ILE B 40 11.04 16.45 14.25
CA ILE B 40 11.51 16.55 12.87
C ILE B 40 13.02 16.69 12.91
N TYR B 41 13.73 15.64 12.51
CA TYR B 41 15.18 15.61 12.53
C TYR B 41 15.73 16.07 11.18
N THR B 42 16.71 16.97 11.20
CA THR B 42 17.43 17.37 10.00
C THR B 42 18.90 17.01 10.18
N ALA B 43 19.44 16.26 9.23
CA ALA B 43 20.83 15.80 9.30
C ALA B 43 21.63 16.39 8.14
N GLY B 44 22.85 16.83 8.45
CA GLY B 44 23.75 17.32 7.42
C GLY B 44 23.28 18.63 6.81
N GLY B 45 23.63 18.81 5.54
CA GLY B 45 23.30 20.02 4.82
C GLY B 45 24.54 20.71 4.29
N TYR B 46 24.31 21.85 3.64
CA TYR B 46 25.37 22.63 3.04
C TYR B 46 25.19 24.11 3.37
N PHE B 47 26.26 24.73 3.87
CA PHE B 47 26.36 26.19 3.94
C PHE B 47 27.85 26.51 3.87
N ARG B 48 28.30 26.98 2.70
CA ARG B 48 29.72 27.25 2.43
C ARG B 48 30.54 25.96 2.39
N GLN B 49 30.17 24.99 3.23
CA GLN B 49 30.74 23.65 3.19
C GLN B 49 29.70 22.67 3.73
N SER B 50 30.01 21.38 3.62
CA SER B 50 29.11 20.35 4.15
C SER B 50 29.07 20.42 5.68
N LEU B 51 27.93 20.03 6.25
CA LEU B 51 27.66 20.19 7.67
C LEU B 51 27.47 18.83 8.33
N SER B 52 27.71 18.81 9.65
CA SER B 52 27.52 17.61 10.46
C SER B 52 26.37 17.74 11.43
N TYR B 53 25.59 18.82 11.34
CA TYR B 53 24.51 19.07 12.30
C TYR B 53 23.48 17.96 12.27
N LEU B 54 23.11 17.47 13.45
CA LEU B 54 21.86 16.73 13.63
C LEU B 54 21.04 17.53 14.63
N GLU B 55 19.92 18.10 14.16
CA GLU B 55 19.04 18.88 14.99
C GLU B 55 17.61 18.38 14.83
N ALA B 56 16.81 18.51 15.88
CA ALA B 56 15.46 17.96 15.91
C ALA B 56 14.48 19.04 16.35
N TYR B 57 13.52 19.34 15.49
CA TYR B 57 12.53 20.38 15.75
C TYR B 57 11.30 19.79 16.42
N ASN B 58 10.81 20.48 17.45
CA ASN B 58 9.60 20.08 18.16
C ASN B 58 8.48 21.03 17.73
N PRO B 59 7.55 20.59 16.88
CA PRO B 59 6.51 21.52 16.39
C PRO B 59 5.59 22.03 17.48
N SER B 60 5.60 21.43 18.67
CA SER B 60 4.72 21.87 19.75
C SER B 60 5.34 22.99 20.58
N ASP B 61 6.56 22.80 21.10
CA ASP B 61 7.18 23.83 21.91
C ASP B 61 8.18 24.68 21.13
N GLY B 62 8.37 24.40 19.84
CA GLY B 62 9.19 25.23 18.98
C GLY B 62 10.69 25.07 19.10
N THR B 63 11.18 24.22 20.02
CA THR B 63 12.60 24.13 20.26
C THR B 63 13.33 23.39 19.13
N TRP B 64 14.61 23.72 18.98
CA TRP B 64 15.56 22.93 18.20
C TRP B 64 16.53 22.27 19.17
N LEU B 65 16.58 20.94 19.14
CA LEU B 65 17.54 20.20 19.95
C LEU B 65 18.80 19.95 19.14
N ARG B 66 19.96 20.19 19.75
CA ARG B 66 21.24 19.86 19.12
C ARG B 66 21.64 18.47 19.59
N LEU B 67 21.82 17.55 18.64
CA LEU B 67 22.11 16.15 18.94
C LEU B 67 23.49 15.78 18.39
N ALA B 68 23.81 14.49 18.47
CA ALA B 68 25.12 14.01 18.08
C ALA B 68 25.43 14.35 16.63
N ASP B 69 26.61 14.94 16.41
CA ASP B 69 27.05 15.25 15.05
C ASP B 69 27.17 13.98 14.21
N LEU B 70 26.90 14.13 12.92
CA LEU B 70 27.26 13.09 11.97
C LEU B 70 28.75 12.78 12.08
N GLN B 71 29.10 11.51 11.85
CA GLN B 71 30.51 11.14 11.84
C GLN B 71 31.27 11.93 10.78
N VAL B 72 30.64 12.17 9.64
CA VAL B 72 31.27 12.88 8.51
C VAL B 72 30.31 13.96 8.02
N PRO B 73 30.76 15.21 7.87
CA PRO B 73 29.88 16.24 7.30
C PRO B 73 29.44 15.87 5.90
N ARG B 74 28.14 15.94 5.66
CA ARG B 74 27.56 15.53 4.38
C ARG B 74 26.43 16.46 3.98
N SER B 75 26.39 16.79 2.68
CA SER B 75 25.29 17.48 2.05
C SER B 75 24.76 16.65 0.90
N GLY B 76 23.54 16.93 0.47
CA GLY B 76 22.93 16.18 -0.61
C GLY B 76 22.57 14.76 -0.26
N LEU B 77 22.51 14.45 1.04
CA LEU B 77 22.07 13.17 1.54
C LEU B 77 20.55 13.15 1.67
N ALA B 78 20.01 11.97 1.93
CA ALA B 78 18.61 11.81 2.28
C ALA B 78 18.48 11.18 3.65
N GLY B 79 17.35 11.44 4.29
CA GLY B 79 17.02 10.79 5.54
C GLY B 79 15.80 9.88 5.44
N CYS B 80 15.74 8.87 6.30
CA CYS B 80 14.53 8.07 6.45
C CYS B 80 14.59 7.38 7.81
N VAL B 81 13.48 6.74 8.17
CA VAL B 81 13.35 6.10 9.48
C VAL B 81 12.81 4.69 9.27
N VAL B 82 13.49 3.69 9.83
CA VAL B 82 13.00 2.32 9.88
C VAL B 82 13.15 1.81 11.30
N GLY B 83 12.07 1.29 11.86
CA GLY B 83 12.11 0.78 13.24
C GLY B 83 12.51 1.82 14.25
N GLY B 84 12.09 3.07 14.05
CA GLY B 84 12.44 4.16 14.95
C GLY B 84 13.84 4.70 14.78
N LEU B 85 14.70 4.02 14.02
CA LEU B 85 16.07 4.47 13.81
C LEU B 85 16.14 5.42 12.63
N LEU B 86 16.93 6.49 12.78
CA LEU B 86 17.07 7.50 11.74
C LEU B 86 18.31 7.17 10.90
N TYR B 87 18.11 7.09 9.59
CA TYR B 87 19.17 6.74 8.65
C TYR B 87 19.56 7.95 7.83
N ALA B 88 20.87 8.18 7.70
CA ALA B 88 21.41 9.17 6.78
C ALA B 88 22.10 8.44 5.63
N VAL B 89 21.68 8.74 4.40
CA VAL B 89 22.05 7.94 3.24
C VAL B 89 22.73 8.83 2.20
N GLY B 90 23.94 8.45 1.79
CA GLY B 90 24.61 9.07 0.67
C GLY B 90 25.06 10.49 0.96
N GLY B 91 25.08 11.29 -0.10
CA GLY B 91 25.50 12.68 0.01
C GLY B 91 26.91 12.91 -0.48
N ARG B 92 27.55 13.93 0.07
CA ARG B 92 28.86 14.38 -0.39
C ARG B 92 29.52 15.19 0.71
N ASN B 93 30.82 15.00 0.90
CA ASN B 93 31.59 15.76 1.89
C ASN B 93 32.33 16.86 1.13
N ASN B 94 31.80 18.08 1.20
CA ASN B 94 32.47 19.28 0.70
C ASN B 94 33.21 19.92 1.86
N SER B 95 34.53 19.81 1.86
CA SER B 95 35.37 20.39 2.89
C SER B 95 36.62 20.96 2.25
N PRO B 96 37.27 21.93 2.90
CA PRO B 96 38.55 22.45 2.37
C PRO B 96 39.65 21.39 2.28
N ASP B 97 39.49 20.23 2.91
CA ASP B 97 40.43 19.13 2.72
C ASP B 97 40.33 18.52 1.33
N GLY B 98 39.18 18.67 0.69
CA GLY B 98 38.88 17.96 -0.54
C GLY B 98 37.40 17.64 -0.59
N ASN B 99 36.98 17.09 -1.73
CA ASN B 99 35.58 16.80 -1.96
C ASN B 99 35.42 15.36 -2.42
N THR B 100 34.40 14.68 -1.86
CA THR B 100 34.18 13.27 -2.14
C THR B 100 32.70 12.94 -1.95
N ASP B 101 32.05 12.43 -2.99
CA ASP B 101 30.70 11.91 -2.80
C ASP B 101 30.74 10.67 -1.90
N SER B 102 29.60 10.35 -1.30
CA SER B 102 29.61 9.38 -0.20
C SER B 102 28.69 8.22 -0.55
N SER B 103 29.17 6.99 -0.30
CA SER B 103 28.35 5.81 -0.36
C SER B 103 27.74 5.45 1.00
N ALA B 104 27.93 6.30 2.00
CA ALA B 104 27.76 5.90 3.38
C ALA B 104 26.30 5.72 3.76
N LEU B 105 26.06 4.76 4.64
CA LEU B 105 24.80 4.61 5.35
C LEU B 105 25.12 4.59 6.84
N ASP B 106 24.47 5.48 7.59
CA ASP B 106 24.72 5.63 9.02
C ASP B 106 23.37 5.69 9.73
N CYS B 107 23.35 5.17 10.97
CA CYS B 107 22.13 4.97 11.72
C CYS B 107 22.21 5.70 13.05
N TYR B 108 21.20 6.50 13.35
CA TYR B 108 21.12 7.24 14.60
C TYR B 108 20.00 6.69 15.46
N ASN B 109 20.32 6.37 16.71
CA ASN B 109 19.34 5.85 17.67
C ASN B 109 18.99 6.94 18.66
N PRO B 110 17.76 7.48 18.61
CA PRO B 110 17.38 8.52 19.60
C PRO B 110 17.47 8.04 21.05
N MET B 111 17.43 6.72 21.28
CA MET B 111 17.50 6.22 22.64
C MET B 111 18.88 6.43 23.26
N THR B 112 19.92 6.43 22.43
CA THR B 112 21.29 6.61 22.91
C THR B 112 21.93 7.90 22.44
N ASN B 113 21.29 8.62 21.52
CA ASN B 113 21.89 9.76 20.87
C ASN B 113 23.30 9.40 20.36
N GLN B 114 23.40 8.25 19.71
CA GLN B 114 24.65 7.83 19.11
C GLN B 114 24.43 7.45 17.64
N TRP B 115 25.39 7.82 16.80
CA TRP B 115 25.43 7.35 15.43
C TRP B 115 26.19 6.04 15.37
N SER B 116 25.74 5.14 14.51
CA SER B 116 26.45 3.90 14.22
C SER B 116 26.47 3.71 12.71
N PRO B 117 27.61 3.34 12.13
CA PRO B 117 27.67 3.13 10.69
C PRO B 117 26.99 1.82 10.30
N CYS B 118 26.58 1.76 9.04
CA CYS B 118 26.02 0.56 8.43
C CYS B 118 26.88 0.18 7.23
N ALA B 119 26.52 -0.93 6.59
CA ALA B 119 27.15 -1.29 5.34
C ALA B 119 26.89 -0.20 4.30
N PRO B 120 27.89 0.17 3.50
CA PRO B 120 27.69 1.23 2.51
C PRO B 120 27.00 0.73 1.26
N MET B 121 26.48 1.70 0.48
CA MET B 121 25.94 1.37 -0.82
C MET B 121 27.04 0.93 -1.76
N SER B 122 26.64 0.35 -2.89
CA SER B 122 27.61 -0.13 -3.88
C SER B 122 28.36 1.02 -4.55
N VAL B 123 27.79 2.21 -4.61
CA VAL B 123 28.42 3.37 -5.24
C VAL B 123 28.08 4.62 -4.44
N PRO B 124 28.92 5.65 -4.54
CA PRO B 124 28.54 6.95 -3.95
C PRO B 124 27.35 7.55 -4.70
N ARG B 125 26.50 8.25 -3.94
CA ARG B 125 25.26 8.83 -4.49
C ARG B 125 25.06 10.20 -3.85
N ASN B 126 25.57 11.23 -4.51
CA ASN B 126 25.31 12.60 -4.11
C ASN B 126 23.99 13.07 -4.70
N ARG B 127 23.26 13.89 -3.95
CA ARG B 127 21.91 14.33 -4.30
C ARG B 127 21.00 13.13 -4.60
N ILE B 128 20.91 12.27 -3.58
CA ILE B 128 20.24 10.99 -3.65
C ILE B 128 18.76 11.18 -3.31
N GLY B 129 17.94 10.21 -3.71
CA GLY B 129 16.58 10.07 -3.19
C GLY B 129 16.41 8.68 -2.60
N VAL B 130 15.61 8.60 -1.52
CA VAL B 130 15.38 7.33 -0.85
C VAL B 130 13.91 7.19 -0.47
N GLY B 131 13.50 5.93 -0.32
CA GLY B 131 12.16 5.61 0.16
C GLY B 131 12.22 4.31 0.94
N VAL B 132 11.18 4.07 1.73
CA VAL B 132 11.11 2.90 2.61
C VAL B 132 9.91 2.05 2.20
N ILE B 133 10.15 0.78 1.90
CA ILE B 133 9.09 -0.16 1.57
C ILE B 133 9.32 -1.43 2.39
N ASP B 134 8.31 -1.84 3.15
CA ASP B 134 8.37 -3.06 3.96
C ASP B 134 9.63 -3.11 4.81
N GLY B 135 9.95 -2.00 5.45
CA GLY B 135 11.13 -1.95 6.30
C GLY B 135 12.45 -2.01 5.57
N HIS B 136 12.46 -1.78 4.26
CA HIS B 136 13.68 -1.81 3.46
C HIS B 136 13.92 -0.44 2.84
N ILE B 137 15.18 0.02 2.88
CA ILE B 137 15.55 1.33 2.37
C ILE B 137 15.97 1.20 0.92
N TYR B 138 15.30 1.96 0.04
CA TYR B 138 15.63 1.99 -1.38
C TYR B 138 16.41 3.26 -1.69
N ALA B 139 17.62 3.11 -2.21
CA ALA B 139 18.44 4.23 -2.63
C ALA B 139 18.32 4.42 -4.14
N VAL B 140 18.01 5.65 -4.56
CA VAL B 140 17.65 5.94 -5.94
C VAL B 140 18.56 7.02 -6.48
N GLY B 141 19.20 6.73 -7.62
CA GLY B 141 19.80 7.79 -8.43
C GLY B 141 21.01 8.41 -7.74
N GLY B 142 21.13 9.73 -7.90
CA GLY B 142 22.27 10.43 -7.36
C GLY B 142 23.44 10.41 -8.32
N SER B 143 24.51 11.09 -7.94
CA SER B 143 25.69 11.18 -8.78
C SER B 143 26.94 10.71 -8.04
N HIS B 144 27.95 10.38 -8.84
CA HIS B 144 29.29 10.03 -8.36
C HIS B 144 30.26 10.64 -9.37
N GLY B 145 30.85 11.78 -9.01
CA GLY B 145 31.65 12.49 -9.99
C GLY B 145 30.78 12.90 -11.15
N CYS B 146 31.20 12.55 -12.36
CA CYS B 146 30.41 12.85 -13.55
C CYS B 146 29.33 11.80 -13.79
N ILE B 147 29.33 10.70 -13.04
CA ILE B 147 28.35 9.64 -13.27
C ILE B 147 27.01 10.08 -12.73
N HIS B 148 25.97 9.98 -13.56
CA HIS B 148 24.59 10.24 -13.14
C HIS B 148 23.88 8.89 -13.10
N HIS B 149 23.58 8.43 -11.89
CA HIS B 149 23.08 7.07 -11.73
C HIS B 149 21.63 6.95 -12.18
N ASN B 150 21.34 5.89 -12.93
CA ASN B 150 19.99 5.35 -12.98
C ASN B 150 19.81 4.14 -12.07
N SER B 151 20.89 3.67 -11.45
CA SER B 151 20.83 2.46 -10.64
C SER B 151 20.10 2.71 -9.33
N VAL B 152 19.57 1.62 -8.76
CA VAL B 152 18.77 1.62 -7.55
C VAL B 152 19.15 0.39 -6.75
N GLU B 153 19.31 0.54 -5.44
CA GLU B 153 19.65 -0.60 -4.59
C GLU B 153 18.84 -0.54 -3.30
N ARG B 154 18.70 -1.71 -2.68
CA ARG B 154 17.80 -1.91 -1.55
C ARG B 154 18.58 -2.36 -0.33
N TYR B 155 18.36 -1.69 0.80
CA TYR B 155 19.04 -2.02 2.04
C TYR B 155 18.11 -2.81 2.97
N GLU B 156 18.66 -3.85 3.57
CA GLU B 156 17.91 -4.73 4.47
C GLU B 156 18.45 -4.58 5.88
N PRO B 157 17.79 -3.83 6.76
CA PRO B 157 18.35 -3.59 8.09
C PRO B 157 18.57 -4.85 8.92
N GLU B 158 17.79 -5.91 8.67
CA GLU B 158 17.95 -7.13 9.45
C GLU B 158 19.28 -7.83 9.16
N ARG B 159 19.79 -7.69 7.94
CA ARG B 159 21.03 -8.34 7.55
C ARG B 159 22.19 -7.37 7.37
N ASP B 160 21.94 -6.06 7.43
CA ASP B 160 22.93 -5.04 7.11
C ASP B 160 23.57 -5.31 5.74
N GLU B 161 22.72 -5.33 4.72
CA GLU B 161 23.08 -5.78 3.38
C GLU B 161 22.39 -4.90 2.35
N TRP B 162 23.16 -4.47 1.35
CA TRP B 162 22.63 -3.78 0.18
C TRP B 162 22.60 -4.74 -1.00
N HIS B 163 21.57 -4.62 -1.82
CA HIS B 163 21.45 -5.43 -3.03
C HIS B 163 20.90 -4.58 -4.16
N LEU B 164 21.53 -4.68 -5.33
CA LEU B 164 21.05 -3.95 -6.51
C LEU B 164 19.69 -4.47 -6.94
N VAL B 165 18.81 -3.55 -7.34
CA VAL B 165 17.54 -3.92 -7.95
C VAL B 165 17.50 -3.37 -9.36
N ALA B 166 16.33 -3.40 -9.99
CA ALA B 166 16.22 -2.95 -11.37
C ALA B 166 16.55 -1.46 -11.48
N PRO B 167 17.38 -1.05 -12.43
CA PRO B 167 17.70 0.37 -12.57
C PRO B 167 16.53 1.14 -13.15
N MET B 168 16.52 2.45 -12.88
CA MET B 168 15.49 3.32 -13.40
C MET B 168 15.56 3.43 -14.92
N LEU B 169 14.44 3.83 -15.51
CA LEU B 169 14.42 4.16 -16.93
C LEU B 169 15.20 5.43 -17.24
N THR B 170 15.55 6.21 -16.21
CA THR B 170 16.16 7.52 -16.39
C THR B 170 17.25 7.73 -15.35
N ARG B 171 18.36 8.31 -15.77
CA ARG B 171 19.36 8.79 -14.83
C ARG B 171 18.83 10.05 -14.14
N ARG B 172 18.85 10.05 -12.81
CA ARG B 172 18.24 11.15 -12.05
C ARG B 172 19.12 11.46 -10.84
N ILE B 173 19.62 12.70 -10.77
CA ILE B 173 20.21 13.20 -9.55
C ILE B 173 19.37 14.39 -9.10
N GLY B 174 19.38 14.64 -7.80
CA GLY B 174 18.40 15.57 -7.24
C GLY B 174 16.99 15.07 -7.49
N VAL B 175 16.79 13.76 -7.41
CA VAL B 175 15.51 13.12 -7.67
C VAL B 175 14.69 13.10 -6.39
N GLY B 176 13.38 13.31 -6.51
CA GLY B 176 12.47 13.17 -5.39
C GLY B 176 11.86 11.78 -5.36
N VAL B 177 11.79 11.20 -4.16
CA VAL B 177 11.35 9.82 -3.99
C VAL B 177 10.25 9.77 -2.94
N ALA B 178 9.19 9.02 -3.24
CA ALA B 178 8.06 8.87 -2.35
C ALA B 178 7.50 7.46 -2.52
N VAL B 179 6.95 6.92 -1.43
CA VAL B 179 6.35 5.60 -1.43
C VAL B 179 4.85 5.78 -1.22
N LEU B 180 4.07 5.33 -2.19
CA LEU B 180 2.62 5.41 -2.14
C LEU B 180 2.06 4.01 -2.32
N ASN B 181 1.37 3.52 -1.29
CA ASN B 181 0.80 2.17 -1.28
C ASN B 181 1.83 1.12 -1.67
N ARG B 182 3.00 1.21 -1.01
CA ARG B 182 4.09 0.25 -1.14
C ARG B 182 4.69 0.23 -2.55
N LEU B 183 4.50 1.30 -3.32
CA LEU B 183 5.15 1.46 -4.61
C LEU B 183 6.11 2.64 -4.53
N LEU B 184 7.28 2.51 -5.16
CA LEU B 184 8.35 3.49 -5.08
C LEU B 184 8.31 4.38 -6.33
N TYR B 185 8.21 5.68 -6.12
CA TYR B 185 8.15 6.66 -7.20
C TYR B 185 9.41 7.52 -7.19
N ALA B 186 9.98 7.74 -8.37
CA ALA B 186 11.11 8.66 -8.56
C ALA B 186 10.61 9.83 -9.39
N VAL B 187 10.80 11.05 -8.89
CA VAL B 187 10.13 12.23 -9.43
C VAL B 187 11.17 13.28 -9.79
N GLY B 188 11.16 13.72 -11.06
CA GLY B 188 11.99 14.82 -11.48
C GLY B 188 13.47 14.47 -11.48
N GLY B 189 14.30 15.47 -11.26
CA GLY B 189 15.73 15.31 -11.20
C GLY B 189 16.46 15.93 -12.38
N PHE B 190 17.73 15.53 -12.54
CA PHE B 190 18.63 16.04 -13.56
C PHE B 190 19.44 14.87 -14.08
N ASP B 191 19.44 14.66 -15.40
CA ASP B 191 20.10 13.48 -15.94
C ASP B 191 21.52 13.75 -16.41
N GLY B 192 22.06 14.94 -16.11
CA GLY B 192 23.36 15.34 -16.57
C GLY B 192 23.33 16.27 -17.77
N THR B 193 22.24 16.30 -18.49
CA THR B 193 22.05 17.16 -19.66
C THR B 193 20.76 17.97 -19.58
N ASN B 194 19.66 17.35 -19.13
CA ASN B 194 18.37 18.01 -19.03
C ASN B 194 17.77 17.77 -17.66
N ARG B 195 17.08 18.78 -17.14
CA ARG B 195 16.27 18.61 -15.95
C ARG B 195 14.89 18.08 -16.35
N LEU B 196 14.24 17.40 -15.41
CA LEU B 196 13.15 16.49 -15.73
C LEU B 196 11.86 16.86 -15.01
N ASN B 197 10.74 16.73 -15.72
CA ASN B 197 9.42 16.70 -15.12
C ASN B 197 8.83 15.29 -15.12
N SER B 198 9.52 14.32 -15.71
CA SER B 198 9.02 12.97 -15.78
C SER B 198 9.08 12.31 -14.41
N ALA B 199 8.29 11.25 -14.27
CA ALA B 199 8.26 10.44 -13.06
C ALA B 199 8.03 8.99 -13.46
N GLU B 200 8.60 8.08 -12.69
CA GLU B 200 8.44 6.66 -12.94
C GLU B 200 8.22 5.93 -11.62
N CYS B 201 7.65 4.74 -11.72
CA CYS B 201 7.18 3.98 -10.57
C CYS B 201 7.86 2.61 -10.53
N TYR B 202 8.28 2.22 -9.34
CA TYR B 202 8.98 0.95 -9.14
C TYR B 202 8.04 -0.04 -8.47
N TYR B 203 7.93 -1.23 -9.06
CA TYR B 203 7.14 -2.30 -8.48
C TYR B 203 8.06 -3.24 -7.73
N PRO B 204 8.02 -3.28 -6.39
CA PRO B 204 9.11 -3.92 -5.64
C PRO B 204 9.29 -5.41 -5.93
N GLU B 205 8.21 -6.20 -5.83
CA GLU B 205 8.36 -7.64 -6.05
C GLU B 205 8.36 -8.01 -7.53
N ARG B 206 7.84 -7.14 -8.40
CA ARG B 206 7.97 -7.36 -9.82
C ARG B 206 9.35 -6.96 -10.34
N ASN B 207 10.01 -6.02 -9.64
CA ASN B 207 11.35 -5.55 -9.98
C ASN B 207 11.41 -4.99 -11.40
N GLU B 208 10.63 -3.94 -11.62
CA GLU B 208 10.65 -3.24 -12.91
C GLU B 208 10.09 -1.84 -12.71
N TRP B 209 10.57 -0.92 -13.55
CA TRP B 209 10.15 0.47 -13.49
C TRP B 209 9.19 0.76 -14.63
N ARG B 210 8.14 1.53 -14.31
CA ARG B 210 7.15 1.94 -15.30
C ARG B 210 7.01 3.46 -15.25
N MET B 211 7.13 4.11 -16.41
CA MET B 211 6.91 5.54 -16.50
C MET B 211 5.46 5.89 -16.20
N ILE B 212 5.26 7.03 -15.54
CA ILE B 212 3.91 7.50 -15.22
C ILE B 212 3.73 8.90 -15.79
N THR B 213 2.60 9.51 -15.48
CA THR B 213 2.32 10.88 -15.94
C THR B 213 3.37 11.84 -15.41
N ALA B 214 3.90 12.67 -16.29
CA ALA B 214 4.89 13.66 -15.89
C ALA B 214 4.24 14.79 -15.11
N MET B 215 5.04 15.44 -14.27
CA MET B 215 4.61 16.60 -13.52
C MET B 215 4.28 17.75 -14.47
N ASN B 216 3.59 18.76 -13.93
CA ASN B 216 3.36 19.98 -14.70
C ASN B 216 4.65 20.74 -14.93
N THR B 217 5.57 20.74 -13.96
CA THR B 217 6.77 21.55 -14.03
C THR B 217 8.02 20.71 -13.87
N ILE B 218 9.06 21.09 -14.61
CA ILE B 218 10.38 20.48 -14.48
C ILE B 218 10.96 20.84 -13.11
N ARG B 219 11.47 19.82 -12.41
CA ARG B 219 11.97 20.02 -11.05
C ARG B 219 13.16 19.12 -10.79
N SER B 220 14.31 19.71 -10.52
CA SER B 220 15.43 19.02 -9.89
C SER B 220 15.63 19.59 -8.50
N GLY B 221 15.99 18.74 -7.55
CA GLY B 221 16.16 19.20 -6.18
C GLY B 221 14.87 19.64 -5.52
N ALA B 222 13.74 19.08 -5.94
CA ALA B 222 12.47 19.37 -5.28
C ALA B 222 12.33 18.53 -4.01
N GLY B 223 11.37 18.91 -3.19
CA GLY B 223 10.96 18.11 -2.04
C GLY B 223 9.76 17.28 -2.40
N VAL B 224 9.88 15.97 -2.22
CA VAL B 224 8.83 15.03 -2.60
C VAL B 224 8.50 14.14 -1.41
N CYS B 225 7.21 14.01 -1.11
CA CYS B 225 6.74 13.19 0.01
C CYS B 225 5.34 12.70 -0.31
N VAL B 226 4.78 11.92 0.60
CA VAL B 226 3.42 11.41 0.49
C VAL B 226 2.61 11.95 1.65
N LEU B 227 1.40 12.43 1.34
CA LEU B 227 0.47 12.88 2.37
C LEU B 227 -0.95 12.56 1.93
N HIS B 228 -1.70 11.91 2.81
CA HIS B 228 -3.11 11.60 2.58
C HIS B 228 -3.31 10.91 1.23
N ASN B 229 -2.48 9.88 0.98
CA ASN B 229 -2.55 9.07 -0.23
C ASN B 229 -2.31 9.92 -1.49
N CYS B 230 -1.42 10.89 -1.39
CA CYS B 230 -1.06 11.72 -2.52
C CYS B 230 0.43 12.05 -2.47
N ILE B 231 1.09 12.01 -3.62
CA ILE B 231 2.48 12.42 -3.74
C ILE B 231 2.52 13.93 -3.96
N TYR B 232 3.32 14.63 -3.16
CA TYR B 232 3.53 16.06 -3.31
C TYR B 232 4.95 16.32 -3.79
N ALA B 233 5.09 17.28 -4.70
CA ALA B 233 6.40 17.74 -5.16
C ALA B 233 6.42 19.25 -4.98
N ALA B 234 7.37 19.73 -4.18
CA ALA B 234 7.43 21.13 -3.77
C ALA B 234 8.77 21.72 -4.17
N GLY B 235 8.72 22.89 -4.81
CA GLY B 235 9.93 23.63 -5.12
C GLY B 235 10.83 22.92 -6.12
N GLY B 236 12.13 23.12 -5.93
CA GLY B 236 13.11 22.63 -6.87
C GLY B 236 13.63 23.72 -7.78
N TYR B 237 14.23 23.27 -8.89
CA TYR B 237 14.91 24.15 -9.82
C TYR B 237 14.64 23.63 -11.22
N ASP B 238 14.21 24.50 -12.13
CA ASP B 238 13.87 24.07 -13.48
C ASP B 238 14.93 24.42 -14.50
N GLY B 239 16.12 24.83 -14.05
CA GLY B 239 17.17 25.27 -14.95
C GLY B 239 17.19 26.76 -15.22
N GLN B 240 16.21 27.51 -14.69
CA GLN B 240 16.19 28.95 -14.84
C GLN B 240 15.85 29.62 -13.53
N ASP B 241 14.80 29.14 -12.86
CA ASP B 241 14.34 29.72 -11.60
C ASP B 241 14.24 28.65 -10.53
N GLN B 242 14.51 29.05 -9.28
CA GLN B 242 14.06 28.25 -8.16
C GLN B 242 12.56 28.45 -7.98
N LEU B 243 11.87 27.39 -7.58
CA LEU B 243 10.42 27.34 -7.66
C LEU B 243 9.78 27.40 -6.27
N ASN B 244 8.62 28.04 -6.20
CA ASN B 244 7.76 27.96 -5.01
C ASN B 244 6.52 27.14 -5.28
N SER B 245 6.30 26.68 -6.51
CA SER B 245 5.06 25.97 -6.82
C SER B 245 5.09 24.57 -6.24
N VAL B 246 3.90 24.07 -5.94
CA VAL B 246 3.71 22.75 -5.33
C VAL B 246 2.59 22.05 -6.09
N GLU B 247 2.84 20.80 -6.51
CA GLU B 247 1.82 20.02 -7.20
C GLU B 247 1.73 18.63 -6.59
N ARG B 248 0.55 18.03 -6.74
CA ARG B 248 0.18 16.82 -6.02
C ARG B 248 -0.32 15.79 -7.02
N TYR B 249 0.14 14.55 -6.87
CA TYR B 249 -0.23 13.46 -7.75
C TYR B 249 -1.24 12.54 -7.07
N ASP B 250 -2.32 12.23 -7.77
CA ASP B 250 -3.31 11.26 -7.32
C ASP B 250 -3.26 10.07 -8.27
N VAL B 251 -2.92 8.90 -7.75
CA VAL B 251 -2.82 7.71 -8.58
C VAL B 251 -4.21 7.27 -9.07
N ALA B 252 -5.28 7.72 -8.42
CA ALA B 252 -6.62 7.36 -8.88
C ALA B 252 -6.90 7.92 -10.27
N THR B 253 -6.50 9.16 -10.52
CA THR B 253 -6.68 9.80 -11.83
C THR B 253 -5.40 9.92 -12.61
N ALA B 254 -4.26 9.53 -12.03
CA ALA B 254 -2.95 9.63 -12.67
C ALA B 254 -2.69 11.05 -13.19
N THR B 255 -2.97 12.03 -12.34
CA THR B 255 -2.90 13.43 -12.70
C THR B 255 -2.17 14.21 -11.62
N TRP B 256 -1.35 15.18 -12.05
CA TRP B 256 -0.72 16.14 -11.15
C TRP B 256 -1.54 17.42 -11.12
N THR B 257 -1.85 17.89 -9.92
CA THR B 257 -2.63 19.12 -9.75
C THR B 257 -1.85 20.09 -8.88
N PHE B 258 -1.79 21.35 -9.30
CA PHE B 258 -1.18 22.39 -8.49
C PHE B 258 -1.99 22.64 -7.23
N VAL B 259 -1.29 22.87 -6.12
CA VAL B 259 -1.95 23.37 -4.91
C VAL B 259 -1.33 24.72 -4.58
N ALA B 260 -1.53 25.19 -3.35
CA ALA B 260 -0.98 26.49 -2.96
C ALA B 260 0.54 26.46 -3.03
N PRO B 261 1.17 27.52 -3.54
CA PRO B 261 2.63 27.56 -3.59
C PRO B 261 3.23 28.01 -2.26
N MET B 262 4.48 27.61 -2.07
CA MET B 262 5.22 27.99 -0.88
C MET B 262 5.41 29.50 -0.84
N LYS B 263 5.68 30.03 0.35
CA LYS B 263 5.98 31.46 0.45
C LYS B 263 7.33 31.78 -0.18
N HIS B 264 8.32 30.91 0.00
CA HIS B 264 9.68 31.16 -0.45
C HIS B 264 10.07 30.14 -1.50
N ARG B 265 10.48 30.62 -2.68
CA ARG B 265 11.09 29.75 -3.67
C ARG B 265 12.33 29.10 -3.10
N ARG B 266 12.52 27.81 -3.40
CA ARG B 266 13.65 27.08 -2.85
C ARG B 266 13.89 25.80 -3.62
N SER B 267 15.17 25.48 -3.79
CA SER B 267 15.59 24.20 -4.34
C SER B 267 16.55 23.56 -3.35
N ALA B 268 16.70 22.23 -3.47
CA ALA B 268 17.49 21.44 -2.53
C ALA B 268 16.99 21.62 -1.10
N LEU B 269 15.67 21.64 -0.95
CA LEU B 269 15.01 21.74 0.33
C LEU B 269 14.89 20.37 0.98
N GLY B 270 14.74 20.37 2.29
CA GLY B 270 14.33 19.18 3.01
C GLY B 270 12.83 19.17 3.18
N ILE B 271 12.25 17.97 3.31
CA ILE B 271 10.81 17.82 3.37
C ILE B 271 10.49 16.57 4.18
N THR B 272 9.38 16.63 4.92
CA THR B 272 8.84 15.46 5.60
C THR B 272 7.40 15.77 6.00
N VAL B 273 6.73 14.77 6.56
CA VAL B 273 5.35 14.90 7.03
C VAL B 273 5.35 14.65 8.53
N HIS B 274 4.70 15.54 9.27
CA HIS B 274 4.52 15.40 10.72
C HIS B 274 3.07 15.70 11.05
N GLN B 275 2.37 14.70 11.55
CA GLN B 275 0.98 14.83 12.03
C GLN B 275 0.09 15.47 10.98
N GLY B 276 0.04 14.84 9.81
CA GLY B 276 -0.84 15.28 8.74
C GLY B 276 -0.48 16.57 8.07
N ARG B 277 0.75 17.06 8.23
CA ARG B 277 1.16 18.31 7.62
C ARG B 277 2.55 18.15 7.03
N ILE B 278 2.77 18.84 5.92
CA ILE B 278 4.07 18.85 5.24
C ILE B 278 4.94 19.93 5.84
N TYR B 279 6.21 19.61 6.09
CA TYR B 279 7.21 20.58 6.52
C TYR B 279 8.33 20.62 5.50
N VAL B 280 8.67 21.82 5.02
CA VAL B 280 9.81 22.01 4.14
C VAL B 280 10.86 22.83 4.88
N LEU B 281 12.11 22.43 4.74
CA LEU B 281 13.21 22.95 5.56
C LEU B 281 14.31 23.50 4.66
N GLY B 282 14.62 24.78 4.83
CA GLY B 282 15.78 25.39 4.18
C GLY B 282 15.72 25.31 2.66
N GLY B 283 16.89 25.13 2.07
CA GLY B 283 17.05 25.12 0.63
C GLY B 283 17.84 26.34 0.15
N TYR B 284 17.80 26.53 -1.16
CA TYR B 284 18.59 27.56 -1.84
C TYR B 284 17.70 28.28 -2.85
N ASP B 285 17.69 29.62 -2.79
CA ASP B 285 16.80 30.41 -3.62
C ASP B 285 17.54 31.20 -4.70
N GLY B 286 18.73 30.75 -5.09
CA GLY B 286 19.55 31.50 -6.02
C GLY B 286 20.37 32.61 -5.41
N HIS B 287 20.10 32.98 -4.17
CA HIS B 287 20.84 34.06 -3.52
C HIS B 287 21.34 33.70 -2.13
N THR B 288 20.56 32.96 -1.35
CA THR B 288 20.96 32.65 0.02
C THR B 288 20.54 31.23 0.36
N PHE B 289 21.17 30.69 1.39
CA PHE B 289 20.81 29.40 1.93
C PHE B 289 19.78 29.63 3.03
N LEU B 290 18.56 29.16 2.80
CA LEU B 290 17.44 29.51 3.65
C LEU B 290 17.49 28.77 4.97
N ASP B 291 17.02 29.44 6.03
CA ASP B 291 16.69 28.77 7.27
C ASP B 291 15.19 28.70 7.50
N SER B 292 14.40 29.25 6.58
CA SER B 292 12.95 29.24 6.71
C SER B 292 12.40 27.82 6.69
N VAL B 293 11.44 27.56 7.57
CA VAL B 293 10.68 26.31 7.58
C VAL B 293 9.22 26.67 7.38
N GLU B 294 8.59 26.11 6.35
CA GLU B 294 7.19 26.32 6.05
C GLU B 294 6.41 25.03 6.28
N CYS B 295 5.13 25.19 6.64
CA CYS B 295 4.26 24.08 6.98
C CYS B 295 2.98 24.18 6.16
N TYR B 296 2.63 23.09 5.49
CA TYR B 296 1.46 23.05 4.61
C TYR B 296 0.32 22.30 5.30
N ASP B 297 -0.82 22.99 5.46
CA ASP B 297 -2.03 22.38 5.99
C ASP B 297 -2.93 21.99 4.83
N PRO B 298 -3.10 20.71 4.53
CA PRO B 298 -3.90 20.31 3.36
C PRO B 298 -5.38 20.59 3.52
N ASP B 299 -5.89 20.65 4.76
CA ASP B 299 -7.32 20.91 4.95
C ASP B 299 -7.69 22.32 4.54
N THR B 300 -6.77 23.28 4.65
CA THR B 300 -7.02 24.65 4.25
C THR B 300 -6.21 25.06 3.02
N ASP B 301 -5.35 24.18 2.52
CA ASP B 301 -4.50 24.47 1.37
C ASP B 301 -3.76 25.79 1.55
N THR B 302 -3.07 25.93 2.69
CA THR B 302 -2.25 27.11 2.94
C THR B 302 -0.90 26.69 3.48
N TRP B 303 0.11 27.52 3.18
CA TRP B 303 1.42 27.42 3.79
C TRP B 303 1.58 28.53 4.82
N SER B 304 2.38 28.25 5.85
CA SER B 304 2.79 29.29 6.78
C SER B 304 4.18 28.97 7.27
N GLU B 305 4.96 30.02 7.56
CA GLU B 305 6.27 29.85 8.18
C GLU B 305 6.08 29.62 9.67
N VAL B 306 6.64 28.53 10.18
CA VAL B 306 6.45 28.17 11.57
C VAL B 306 7.72 28.31 12.40
N THR B 307 8.90 28.21 11.79
CA THR B 307 10.13 28.33 12.56
C THR B 307 11.26 28.72 11.61
N ARG B 308 12.44 28.96 12.19
CA ARG B 308 13.67 29.13 11.43
C ARG B 308 14.71 28.18 12.01
N MET B 309 15.41 27.47 11.13
CA MET B 309 16.51 26.64 11.58
CA MET B 309 16.52 26.64 11.56
C MET B 309 17.59 27.50 12.24
N THR B 310 18.45 26.86 13.01
CA THR B 310 19.49 27.59 13.72
C THR B 310 20.49 28.25 12.77
N SER B 311 20.60 27.75 11.54
CA SER B 311 21.39 28.39 10.51
C SER B 311 20.90 27.89 9.16
N GLY B 312 20.96 28.77 8.16
CA GLY B 312 20.51 28.40 6.83
C GLY B 312 21.37 27.32 6.22
N ARG B 313 20.74 26.43 5.45
CA ARG B 313 21.43 25.33 4.81
C ARG B 313 20.53 24.75 3.74
N SER B 314 21.15 24.09 2.77
CA SER B 314 20.44 23.32 1.75
C SER B 314 20.93 21.89 1.79
N GLY B 315 20.24 21.04 1.04
CA GLY B 315 20.68 19.66 0.87
C GLY B 315 20.70 18.82 2.14
N VAL B 316 19.68 18.94 2.96
CA VAL B 316 19.62 18.19 4.21
C VAL B 316 18.86 16.88 4.00
N GLY B 317 19.04 15.96 4.94
CA GLY B 317 18.18 14.80 5.07
C GLY B 317 17.26 14.98 6.25
N VAL B 318 15.96 14.76 6.02
CA VAL B 318 14.93 15.05 7.01
C VAL B 318 14.04 13.82 7.20
N ALA B 319 13.74 13.50 8.46
CA ALA B 319 12.83 12.40 8.78
C ALA B 319 12.27 12.62 10.18
N VAL B 320 11.23 11.84 10.50
CA VAL B 320 10.48 11.97 11.75
C VAL B 320 10.56 10.66 12.53
N THR B 321 10.95 10.74 13.80
CA THR B 321 10.84 9.60 14.70
C THR B 321 10.82 10.12 16.14
N MET B 322 10.82 9.18 17.09
CA MET B 322 10.71 9.51 18.50
C MET B 322 11.76 10.52 18.95
N GLU B 323 11.42 11.31 19.96
CA GLU B 323 12.37 12.26 20.50
C GLU B 323 13.40 11.53 21.36
N PRO B 324 14.60 12.10 21.50
CA PRO B 324 15.65 11.41 22.25
C PRO B 324 15.39 11.46 23.76
N SER B 325 16.19 10.70 24.48
CA SER B 325 16.08 10.65 25.94
C SER B 325 17.01 11.66 26.60
N LEU C 1 -25.55 -30.10 -6.71
CA LEU C 1 -26.67 -29.42 -6.06
C LEU C 1 -26.83 -28.02 -6.66
N ASP C 2 -26.00 -27.07 -6.21
CA ASP C 2 -25.81 -25.80 -6.90
C ASP C 2 -24.38 -25.78 -7.44
N GLU C 3 -24.24 -25.34 -8.69
CA GLU C 3 -23.02 -25.61 -9.46
C GLU C 3 -21.82 -24.83 -8.93
N GLU C 4 -22.03 -23.66 -8.34
CA GLU C 4 -20.91 -22.79 -7.99
C GLU C 4 -20.29 -23.14 -6.64
N ALA C 5 -21.11 -23.33 -5.61
CA ALA C 5 -20.62 -23.59 -4.26
C ALA C 5 -20.91 -24.99 -3.76
N GLY C 6 -21.74 -25.76 -4.46
CA GLY C 6 -22.07 -27.10 -4.03
C GLY C 6 -23.15 -27.19 -2.96
N GLU C 7 -23.73 -26.07 -2.54
CA GLU C 7 -24.74 -26.11 -1.50
C GLU C 7 -26.05 -26.68 -2.05
N PHE C 8 -26.84 -27.27 -1.15
CA PHE C 8 -28.05 -27.96 -1.56
C PHE C 8 -29.13 -26.98 -2.02
N LEU C 9 -29.92 -27.45 -2.99
CA LEU C 9 -31.14 -26.79 -3.48
C LEU C 9 -31.94 -26.10 -2.38
#